data_7X4A
#
_entry.id   7X4A
#
_cell.length_a   132.113
_cell.length_b   132.113
_cell.length_c   132.113
_cell.angle_alpha   90.000
_cell.angle_beta   90.000
_cell.angle_gamma   90.000
#
_symmetry.space_group_name_H-M   'I 2 3'
#
loop_
_entity.id
_entity.type
_entity.pdbx_description
1 polymer ClCdnE
2 water water
#
_entity_poly.entity_id   1
_entity_poly.type   'polypeptide(L)'
_entity_poly.pdbx_seq_one_letter_code
;MAKYTEDQLTSWTKPPSDSEQTKLENSEKMVREAISSDEKLSKKTIETFGQGSYANNTNVRLNSDIDINVKYSDGFYFDL
PKDKSREDFGITLTSYSYEEYKDDVENALVNKFGRSEVVRKDKCITVKENSYRVETDVVPTWDYRRYSENGNYVQGTKFK
TDKGIWIDNYPKQHIANGISKNNNTARRFKRLTRLHRKLRYKMIDDGGNVSDNITSFLLECLVWNVPNRIMNDYDTWTER
LKQSIIYLYNNTREESSCKEWGEVSELLYLFHGGRKWTSKDVNSYMVLLWNHLEFLEHHHHHH
;
_entity_poly.pdbx_strand_id   A
#
# COMPACT_ATOMS: atom_id res chain seq x y z
N ALA A 2 -31.01 -0.18 6.48
CA ALA A 2 -29.65 0.07 6.00
C ALA A 2 -29.59 1.38 5.20
N LYS A 3 -28.53 2.15 5.40
CA LYS A 3 -28.44 3.41 4.68
C LYS A 3 -28.27 3.18 3.18
N TYR A 4 -27.56 2.12 2.79
CA TYR A 4 -27.34 1.83 1.39
C TYR A 4 -27.97 0.50 1.06
N THR A 5 -28.47 0.39 -0.18
CA THR A 5 -29.09 -0.84 -0.61
C THR A 5 -28.03 -1.85 -1.04
N GLU A 6 -28.49 -3.08 -1.30
CA GLU A 6 -27.59 -4.12 -1.77
C GLU A 6 -26.99 -3.75 -3.13
N ASP A 7 -27.77 -3.10 -3.98
CA ASP A 7 -27.24 -2.70 -5.28
C ASP A 7 -26.14 -1.65 -5.14
N GLN A 8 -26.32 -0.68 -4.24
CA GLN A 8 -25.32 0.37 -4.06
C GLN A 8 -24.01 -0.20 -3.52
N LEU A 9 -24.09 -1.06 -2.49
CA LEU A 9 -22.86 -1.66 -1.95
C LEU A 9 -22.15 -2.48 -3.02
N THR A 10 -22.93 -3.29 -3.76
CA THR A 10 -22.35 -4.09 -4.84
C THR A 10 -21.62 -3.21 -5.83
N SER A 11 -22.22 -2.08 -6.21
CA SER A 11 -21.53 -1.22 -7.17
C SER A 11 -20.26 -0.63 -6.57
N TRP A 12 -20.22 -0.38 -5.26
CA TRP A 12 -18.96 0.10 -4.71
C TRP A 12 -17.94 -1.01 -4.50
N THR A 13 -18.26 -2.25 -4.85
CA THR A 13 -17.18 -3.24 -4.84
C THR A 13 -16.37 -3.26 -6.13
N LYS A 14 -16.69 -2.43 -7.12
CA LYS A 14 -16.09 -2.56 -8.44
C LYS A 14 -14.95 -1.58 -8.64
N PRO A 15 -14.02 -1.86 -9.54
CA PRO A 15 -12.98 -0.86 -9.89
C PRO A 15 -13.64 0.41 -10.40
N PRO A 16 -12.97 1.55 -10.30
CA PRO A 16 -13.61 2.81 -10.71
C PRO A 16 -13.50 3.12 -12.21
N SER A 17 -12.82 2.28 -12.99
CA SER A 17 -12.80 2.38 -14.45
C SER A 17 -12.60 0.99 -15.00
N ASP A 18 -12.72 0.84 -16.31
CA ASP A 18 -12.42 -0.45 -16.93
C ASP A 18 -10.96 -0.55 -17.38
N SER A 19 -10.17 0.48 -17.16
CA SER A 19 -8.82 0.52 -17.70
C SER A 19 -7.79 0.79 -16.61
N GLU A 20 -8.00 0.26 -15.41
CA GLU A 20 -7.06 0.45 -14.32
C GLU A 20 -5.68 -0.10 -14.68
N GLN A 21 -5.65 -1.28 -15.32
CA GLN A 21 -4.39 -1.93 -15.69
C GLN A 21 -3.66 -1.14 -16.78
N THR A 22 -4.42 -0.60 -17.73
CA THR A 22 -3.81 0.21 -18.79
C THR A 22 -3.15 1.46 -18.21
N LYS A 23 -3.78 2.09 -17.22
CA LYS A 23 -3.18 3.25 -16.56
C LYS A 23 -1.91 2.86 -15.81
N LEU A 24 -1.97 1.77 -15.05
CA LEU A 24 -0.77 1.35 -14.33
C LEU A 24 0.38 1.06 -15.30
N GLU A 25 0.10 0.33 -16.37
CA GLU A 25 1.17 -0.05 -17.29
C GLU A 25 1.74 1.16 -17.99
N ASN A 26 0.90 2.14 -18.36
CA ASN A 26 1.44 3.33 -19.02
C ASN A 26 2.31 4.14 -18.07
N SER A 27 1.93 4.24 -16.78
CA SER A 27 2.81 4.93 -15.83
C SER A 27 4.12 4.17 -15.62
N GLU A 28 4.04 2.86 -15.42
CA GLU A 28 5.24 2.04 -15.29
C GLU A 28 6.18 2.24 -16.47
N LYS A 29 5.63 2.16 -17.69
CA LYS A 29 6.45 2.25 -18.89
C LYS A 29 7.07 3.64 -19.04
N MET A 30 6.29 4.70 -18.77
CA MET A 30 6.89 6.02 -18.93
C MET A 30 8.00 6.25 -17.91
N VAL A 31 7.86 5.71 -16.70
CA VAL A 31 8.94 5.86 -15.73
C VAL A 31 10.15 5.01 -16.12
N ARG A 32 9.90 3.76 -16.52
CA ARG A 32 10.95 2.89 -16.99
C ARG A 32 11.73 3.54 -18.12
N GLU A 33 11.04 4.26 -19.00
CA GLU A 33 11.72 4.96 -20.09
C GLU A 33 12.51 6.17 -19.61
N ALA A 34 11.97 6.94 -18.65
CA ALA A 34 12.75 8.02 -18.08
C ALA A 34 14.06 7.47 -17.52
N ILE A 35 14.02 6.29 -16.93
CA ILE A 35 15.22 5.68 -16.38
C ILE A 35 16.17 5.24 -17.50
N SER A 36 15.65 4.50 -18.48
CA SER A 36 16.58 3.95 -19.46
C SER A 36 17.13 5.02 -20.41
N SER A 37 16.46 6.16 -20.53
CA SER A 37 16.97 7.27 -21.34
C SER A 37 17.98 8.13 -20.59
N ASP A 38 18.28 7.82 -19.34
CA ASP A 38 19.17 8.64 -18.55
C ASP A 38 20.56 8.04 -18.59
N GLU A 39 21.54 8.83 -19.01
CA GLU A 39 22.90 8.29 -19.13
C GLU A 39 23.40 7.75 -17.80
N LYS A 40 23.13 8.46 -16.71
CA LYS A 40 23.68 8.02 -15.43
C LYS A 40 23.00 6.75 -14.92
N LEU A 41 21.67 6.76 -14.83
CA LEU A 41 20.97 5.65 -14.19
C LEU A 41 20.83 4.43 -15.09
N SER A 42 20.89 4.60 -16.41
CA SER A 42 20.71 3.47 -17.32
C SER A 42 21.80 2.42 -17.15
N LYS A 43 22.91 2.78 -16.53
CA LYS A 43 23.98 1.81 -16.32
C LYS A 43 23.83 1.03 -15.02
N LYS A 44 22.81 1.32 -14.23
CA LYS A 44 22.58 0.65 -12.95
C LYS A 44 21.43 -0.33 -13.05
N THR A 45 21.41 -1.28 -12.15
CA THR A 45 20.32 -2.25 -12.09
C THR A 45 19.16 -1.60 -11.38
N ILE A 46 18.11 -1.24 -12.13
CA ILE A 46 16.99 -0.51 -11.59
C ILE A 46 15.72 -1.13 -12.14
N GLU A 47 14.86 -1.59 -11.24
CA GLU A 47 13.60 -2.20 -11.61
C GLU A 47 12.46 -1.24 -11.31
N THR A 48 11.58 -1.05 -12.28
CA THR A 48 10.44 -0.16 -12.17
C THR A 48 9.20 -1.01 -12.01
N PHE A 49 8.48 -0.85 -10.91
CA PHE A 49 7.27 -1.64 -10.74
C PHE A 49 6.21 -0.88 -9.96
N GLY A 50 4.95 -1.10 -10.32
CA GLY A 50 3.88 -0.52 -9.54
C GLY A 50 3.77 -1.16 -8.18
N GLN A 51 3.44 -0.34 -7.17
CA GLN A 51 3.06 -0.85 -5.87
C GLN A 51 1.78 -0.11 -5.48
N GLY A 52 1.30 -0.23 -4.29
CA GLY A 52 0.13 0.59 -4.05
C GLY A 52 -1.15 0.02 -4.66
N SER A 53 -2.17 0.89 -4.74
CA SER A 53 -3.52 0.39 -4.94
C SER A 53 -3.80 -0.04 -6.37
N TYR A 54 -3.14 0.53 -7.36
CA TYR A 54 -3.32 0.03 -8.74
C TYR A 54 -2.65 -1.34 -8.91
N ALA A 55 -1.44 -1.49 -8.38
CA ALA A 55 -0.77 -2.79 -8.46
C ALA A 55 -1.56 -3.86 -7.70
N ASN A 56 -2.31 -3.47 -6.67
CA ASN A 56 -3.12 -4.43 -5.92
C ASN A 56 -4.56 -4.48 -6.40
N ASN A 57 -4.88 -3.71 -7.44
CA ASN A 57 -6.23 -3.64 -7.98
C ASN A 57 -7.26 -3.36 -6.87
N THR A 58 -6.89 -2.49 -5.94
CA THR A 58 -7.83 -2.05 -4.91
C THR A 58 -8.08 -0.54 -4.94
N ASN A 59 -7.68 0.15 -6.00
CA ASN A 59 -8.02 1.56 -6.12
C ASN A 59 -9.52 1.72 -6.27
N VAL A 60 -10.07 2.79 -5.66
CA VAL A 60 -11.48 3.12 -5.83
C VAL A 60 -11.70 4.56 -6.22
N ARG A 61 -10.67 5.38 -6.39
CA ARG A 61 -10.88 6.76 -6.82
C ARG A 61 -10.40 6.90 -8.25
N LEU A 62 -11.28 7.33 -9.13
CA LEU A 62 -10.96 7.47 -10.55
C LEU A 62 -9.77 8.42 -10.76
N ASN A 63 -8.73 7.92 -11.41
CA ASN A 63 -7.54 8.72 -11.74
C ASN A 63 -6.81 9.26 -10.51
N SER A 64 -6.88 8.55 -9.39
CA SER A 64 -6.01 8.88 -8.26
C SER A 64 -4.58 8.45 -8.60
N ASP A 65 -3.64 8.94 -7.77
CA ASP A 65 -2.21 8.76 -8.03
C ASP A 65 -1.83 7.29 -8.16
N ILE A 66 -0.97 7.00 -9.12
CA ILE A 66 -0.37 5.69 -9.25
C ILE A 66 0.98 5.73 -8.55
N ASP A 67 1.31 4.67 -7.82
CA ASP A 67 2.52 4.59 -6.99
C ASP A 67 3.53 3.68 -7.70
N ILE A 68 4.64 4.25 -8.18
CA ILE A 68 5.62 3.53 -8.99
C ILE A 68 6.94 3.53 -8.23
N ASN A 69 7.40 2.34 -7.86
CA ASN A 69 8.69 2.14 -7.21
C ASN A 69 9.78 2.02 -8.27
N VAL A 70 10.89 2.73 -8.10
CA VAL A 70 12.09 2.48 -8.91
C VAL A 70 13.17 2.01 -7.94
N LYS A 71 13.41 0.69 -7.95
CA LYS A 71 14.21 0.02 -6.95
C LYS A 71 15.60 -0.26 -7.52
N TYR A 72 16.60 0.27 -6.85
CA TYR A 72 17.99 0.08 -7.25
C TYR A 72 18.55 -1.09 -6.47
N SER A 73 19.25 -1.98 -7.15
CA SER A 73 19.68 -3.18 -6.45
C SER A 73 21.12 -3.54 -6.76
N ASP A 74 21.96 -2.56 -7.09
CA ASP A 74 23.38 -2.84 -7.16
C ASP A 74 24.02 -2.86 -5.77
N GLY A 75 23.31 -2.40 -4.76
CA GLY A 75 23.65 -2.74 -3.39
C GLY A 75 22.36 -2.88 -2.59
N PHE A 76 22.43 -3.63 -1.49
CA PHE A 76 21.27 -3.74 -0.63
C PHE A 76 21.63 -3.38 0.80
N TYR A 77 20.73 -2.63 1.45
CA TYR A 77 20.77 -2.52 2.90
C TYR A 77 20.30 -3.81 3.53
N PHE A 78 20.78 -4.07 4.76
CA PHE A 78 20.31 -5.26 5.44
C PHE A 78 20.29 -5.07 6.94
N ASP A 79 19.54 -5.94 7.60
CA ASP A 79 19.46 -6.02 9.05
C ASP A 79 19.67 -7.46 9.46
N LEU A 80 20.50 -7.64 10.51
CA LEU A 80 20.79 -8.98 10.98
C LEU A 80 20.28 -9.15 12.40
N PRO A 81 19.93 -10.38 12.78
CA PRO A 81 19.61 -10.64 14.19
C PRO A 81 20.79 -10.25 15.08
N LYS A 82 20.50 -9.94 16.34
CA LYS A 82 21.51 -9.35 17.22
C LYS A 82 22.70 -10.29 17.49
N ASP A 83 22.54 -11.60 17.38
CA ASP A 83 23.66 -12.49 17.66
C ASP A 83 24.42 -12.89 16.38
N LYS A 84 24.35 -12.08 15.33
CA LYS A 84 25.09 -12.32 14.10
C LYS A 84 25.89 -11.07 13.77
N SER A 85 27.08 -11.25 13.21
CA SER A 85 28.02 -10.18 12.97
C SER A 85 27.91 -9.68 11.52
N ARG A 86 27.76 -8.37 11.36
CA ARG A 86 27.76 -7.81 10.01
C ARG A 86 29.09 -8.04 9.31
N GLU A 87 30.18 -8.02 10.06
CA GLU A 87 31.49 -8.31 9.48
C GLU A 87 31.52 -9.70 8.85
N ASP A 88 31.17 -10.72 9.64
CA ASP A 88 31.23 -12.08 9.12
C ASP A 88 30.19 -12.33 8.04
N PHE A 89 29.18 -11.47 7.93
CA PHE A 89 28.22 -11.60 6.85
C PHE A 89 28.79 -11.14 5.52
N GLY A 90 29.67 -10.14 5.52
CA GLY A 90 30.12 -9.62 4.25
C GLY A 90 29.65 -8.20 4.06
N ILE A 91 30.56 -7.25 4.20
CA ILE A 91 30.25 -5.83 4.16
C ILE A 91 30.67 -5.27 2.81
N THR A 92 29.84 -4.43 2.21
CA THR A 92 30.15 -3.76 0.96
C THR A 92 30.11 -2.27 1.20
N LEU A 93 31.17 -1.57 0.82
CA LEU A 93 31.19 -0.12 0.90
C LEU A 93 31.00 0.45 -0.50
N THR A 94 30.18 1.52 -0.59
CA THR A 94 29.93 2.17 -1.87
C THR A 94 29.88 3.68 -1.70
N SER A 95 30.39 4.40 -2.69
CA SER A 95 30.30 5.84 -2.66
C SER A 95 28.94 6.36 -3.13
N TYR A 96 28.12 5.50 -3.73
CA TYR A 96 26.75 5.83 -4.05
C TYR A 96 25.90 5.87 -2.77
N SER A 97 24.81 6.62 -2.81
CA SER A 97 23.97 6.81 -1.63
C SER A 97 22.52 6.94 -2.06
N TYR A 98 21.62 6.75 -1.11
CA TYR A 98 20.22 6.94 -1.43
C TYR A 98 19.93 8.38 -1.83
N GLU A 99 20.58 9.34 -1.17
CA GLU A 99 20.32 10.75 -1.44
C GLU A 99 20.67 11.12 -2.88
N GLU A 100 21.87 10.71 -3.32
CA GLU A 100 22.25 10.93 -4.69
C GLU A 100 21.29 10.24 -5.64
N TYR A 101 20.84 9.04 -5.27
CA TYR A 101 19.93 8.27 -6.12
C TYR A 101 18.60 8.99 -6.31
N LYS A 102 18.04 9.53 -5.24
CA LYS A 102 16.77 10.23 -5.39
C LYS A 102 16.95 11.49 -6.23
N ASP A 103 18.07 12.20 -6.04
CA ASP A 103 18.35 13.34 -6.94
C ASP A 103 18.47 12.88 -8.39
N ASP A 104 19.13 11.74 -8.62
CA ASP A 104 19.33 11.27 -9.99
C ASP A 104 17.99 10.94 -10.63
N VAL A 105 17.11 10.31 -9.86
CA VAL A 105 15.79 9.96 -10.38
C VAL A 105 15.01 11.20 -10.70
N GLU A 106 15.08 12.21 -9.82
CA GLU A 106 14.43 13.47 -10.13
C GLU A 106 14.97 14.04 -11.45
N ASN A 107 16.29 14.03 -11.63
CA ASN A 107 16.85 14.55 -12.86
C ASN A 107 16.30 13.82 -14.07
N ALA A 108 16.27 12.49 -14.02
CA ALA A 108 15.80 11.72 -15.17
C ALA A 108 14.34 12.02 -15.49
N LEU A 109 13.52 12.14 -14.44
CA LEU A 109 12.13 12.53 -14.66
C LEU A 109 12.04 13.93 -15.27
N VAL A 110 12.81 14.88 -14.74
CA VAL A 110 12.76 16.23 -15.27
C VAL A 110 13.12 16.24 -16.74
N ASN A 111 14.13 15.44 -17.11
CA ASN A 111 14.55 15.39 -18.51
C ASN A 111 13.46 14.81 -19.40
N LYS A 112 12.71 13.82 -18.89
CA LYS A 112 11.69 13.22 -19.75
C LYS A 112 10.43 14.08 -19.83
N PHE A 113 10.01 14.69 -18.72
CA PHE A 113 8.71 15.33 -18.66
C PHE A 113 8.74 16.84 -18.52
N GLY A 114 9.90 17.44 -18.25
CA GLY A 114 10.00 18.87 -18.09
C GLY A 114 9.93 19.28 -16.63
N ARG A 115 10.67 20.33 -16.27
CA ARG A 115 10.77 20.74 -14.87
C ARG A 115 9.41 21.12 -14.28
N SER A 116 8.56 21.76 -15.09
CA SER A 116 7.26 22.19 -14.58
C SER A 116 6.32 21.03 -14.29
N GLU A 117 6.56 19.85 -14.85
CA GLU A 117 5.67 18.69 -14.68
C GLU A 117 6.11 17.75 -13.56
N VAL A 118 7.21 18.03 -12.88
CA VAL A 118 7.85 17.10 -11.95
C VAL A 118 8.05 17.81 -10.62
N VAL A 119 7.51 17.25 -9.54
CA VAL A 119 7.50 17.93 -8.24
C VAL A 119 8.11 17.01 -7.20
N ARG A 120 9.22 17.45 -6.62
CA ARG A 120 9.82 16.68 -5.53
C ARG A 120 8.99 16.81 -4.25
N LYS A 121 8.80 15.71 -3.57
CA LYS A 121 8.02 15.69 -2.36
C LYS A 121 8.77 14.91 -1.30
N ASP A 122 8.21 14.89 -0.08
CA ASP A 122 8.93 14.30 1.05
C ASP A 122 9.26 12.85 0.79
N LYS A 123 8.31 12.10 0.25
CA LYS A 123 8.46 10.66 0.14
C LYS A 123 8.43 10.17 -1.31
N CYS A 124 8.33 11.06 -2.29
CA CYS A 124 8.25 10.64 -3.68
C CYS A 124 8.62 11.83 -4.56
N ILE A 125 8.56 11.60 -5.88
CA ILE A 125 8.66 12.64 -6.91
C ILE A 125 7.44 12.48 -7.82
N THR A 126 6.62 13.51 -7.94
CA THR A 126 5.37 13.39 -8.67
C THR A 126 5.55 13.84 -10.11
N VAL A 127 4.97 13.06 -11.05
CA VAL A 127 4.77 13.48 -12.43
C VAL A 127 3.30 13.83 -12.59
N LYS A 128 3.06 15.07 -13.01
CA LYS A 128 1.70 15.61 -13.10
C LYS A 128 0.90 14.92 -14.20
N GLU A 129 -0.39 14.77 -13.95
CA GLU A 129 -1.28 14.16 -14.92
C GLU A 129 -1.46 15.04 -16.15
N ASN A 130 -1.88 14.44 -17.25
CA ASN A 130 -2.38 15.23 -18.35
C ASN A 130 -3.51 14.40 -18.95
N SER A 131 -3.86 14.65 -20.22
CA SER A 131 -4.95 13.87 -20.82
C SER A 131 -4.57 12.42 -21.03
N TYR A 132 -3.27 12.16 -21.17
CA TYR A 132 -2.79 10.81 -21.50
C TYR A 132 -2.23 10.06 -20.29
N ARG A 133 -1.91 10.74 -19.21
CA ARG A 133 -1.34 10.01 -18.09
C ARG A 133 -2.03 10.37 -16.79
N VAL A 134 -2.02 9.41 -15.90
CA VAL A 134 -2.47 9.61 -14.54
C VAL A 134 -1.34 10.22 -13.73
N GLU A 135 -1.67 11.08 -12.77
CA GLU A 135 -0.64 11.58 -11.87
C GLU A 135 0.09 10.42 -11.22
N THR A 136 1.42 10.49 -11.18
CA THR A 136 2.25 9.34 -10.85
C THR A 136 3.26 9.74 -9.80
N ASP A 137 3.25 9.07 -8.65
CA ASP A 137 4.22 9.25 -7.59
C ASP A 137 5.33 8.22 -7.76
N VAL A 138 6.54 8.69 -8.03
CA VAL A 138 7.71 7.85 -8.22
C VAL A 138 8.45 7.77 -6.90
N VAL A 139 8.58 6.57 -6.35
CA VAL A 139 9.26 6.34 -5.08
C VAL A 139 10.58 5.64 -5.37
N PRO A 140 11.72 6.34 -5.29
CA PRO A 140 13.00 5.64 -5.42
C PRO A 140 13.30 4.90 -4.14
N THR A 141 13.62 3.62 -4.27
CA THR A 141 14.00 2.80 -3.13
C THR A 141 15.26 2.00 -3.47
N TRP A 142 15.86 1.40 -2.43
CA TRP A 142 16.96 0.46 -2.56
C TRP A 142 16.54 -0.91 -2.08
N ASP A 143 17.20 -1.94 -2.62
CA ASP A 143 17.00 -3.32 -2.18
C ASP A 143 17.27 -3.43 -0.68
N TYR A 144 16.54 -4.33 -0.02
CA TYR A 144 16.65 -4.47 1.42
C TYR A 144 16.46 -5.93 1.83
N ARG A 145 17.32 -6.43 2.70
CA ARG A 145 17.18 -7.79 3.22
C ARG A 145 17.06 -7.77 4.74
N ARG A 146 16.05 -8.43 5.26
CA ARG A 146 15.93 -8.65 6.70
C ARG A 146 16.18 -10.13 6.96
N TYR A 147 17.27 -10.43 7.65
CA TYR A 147 17.58 -11.80 8.02
C TYR A 147 16.92 -12.17 9.33
N SER A 148 16.47 -13.42 9.41
CA SER A 148 15.89 -13.96 10.63
C SER A 148 16.90 -14.89 11.31
N GLU A 149 16.51 -15.46 12.45
CA GLU A 149 17.41 -16.28 13.26
C GLU A 149 18.03 -17.41 12.45
N ASN A 150 17.20 -18.12 11.69
CA ASN A 150 17.62 -19.38 11.08
C ASN A 150 18.46 -19.20 9.82
N GLY A 151 18.76 -17.97 9.41
CA GLY A 151 19.57 -17.71 8.24
C GLY A 151 18.78 -17.39 6.99
N ASN A 152 17.47 -17.59 7.01
CA ASN A 152 16.70 -17.11 5.87
C ASN A 152 16.57 -15.58 5.94
N TYR A 153 16.29 -14.98 4.80
CA TYR A 153 16.02 -13.54 4.75
C TYR A 153 14.76 -13.33 3.93
N VAL A 154 14.13 -12.19 4.19
CA VAL A 154 13.08 -11.68 3.33
C VAL A 154 13.60 -10.42 2.67
N GLN A 155 13.16 -10.22 1.43
CA GLN A 155 13.64 -9.14 0.59
C GLN A 155 12.54 -8.09 0.42
N GLY A 156 12.90 -6.83 0.56
CA GLY A 156 11.96 -5.73 0.40
C GLY A 156 12.68 -4.52 -0.14
N THR A 157 12.17 -3.35 0.20
CA THR A 157 12.68 -2.06 -0.25
C THR A 157 12.88 -1.16 0.96
N LYS A 158 13.80 -0.21 0.83
CA LYS A 158 14.10 0.75 1.87
C LYS A 158 14.36 2.10 1.24
N PHE A 159 13.86 3.17 1.84
CA PHE A 159 14.19 4.49 1.31
C PHE A 159 14.20 5.49 2.45
N LYS A 160 14.60 6.72 2.15
CA LYS A 160 14.70 7.76 3.17
C LYS A 160 13.91 8.98 2.74
N THR A 161 13.04 9.46 3.63
CA THR A 161 12.32 10.68 3.31
C THR A 161 13.28 11.87 3.34
N ASP A 162 12.86 12.96 2.70
CA ASP A 162 13.66 14.16 2.72
C ASP A 162 13.84 14.68 4.14
N LYS A 163 12.87 14.41 5.02
CA LYS A 163 13.02 14.79 6.43
C LYS A 163 13.89 13.83 7.22
N GLY A 164 14.46 12.82 6.60
CA GLY A 164 15.41 11.96 7.29
C GLY A 164 14.87 10.68 7.88
N ILE A 165 13.63 10.31 7.59
CA ILE A 165 13.06 9.07 8.11
C ILE A 165 13.36 7.94 7.14
N TRP A 166 13.88 6.82 7.66
CA TRP A 166 14.13 5.62 6.88
C TRP A 166 12.95 4.67 7.05
N ILE A 167 12.47 4.12 5.93
CA ILE A 167 11.24 3.32 5.91
C ILE A 167 11.50 2.04 5.11
N ASP A 168 11.11 0.89 5.68
CA ASP A 168 11.14 -0.41 5.02
C ASP A 168 9.75 -0.79 4.55
N ASN A 169 9.68 -1.47 3.40
CA ASN A 169 8.41 -1.98 2.91
C ASN A 169 8.64 -3.29 2.20
N TYR A 170 7.54 -3.98 1.97
CA TYR A 170 7.53 -5.26 1.29
C TYR A 170 6.43 -5.27 0.24
N PRO A 171 6.54 -4.43 -0.79
CA PRO A 171 5.44 -4.31 -1.74
C PRO A 171 5.18 -5.59 -2.52
N LYS A 172 6.21 -6.40 -2.79
CA LYS A 172 6.00 -7.59 -3.61
C LYS A 172 5.21 -8.66 -2.84
N GLN A 173 5.57 -8.90 -1.59
CA GLN A 173 4.82 -9.84 -0.77
C GLN A 173 3.40 -9.32 -0.49
N HIS A 174 3.25 -8.01 -0.34
CA HIS A 174 1.91 -7.44 -0.22
C HIS A 174 1.06 -7.82 -1.45
N ILE A 175 1.58 -7.56 -2.66
CA ILE A 175 0.86 -7.91 -3.88
C ILE A 175 0.54 -9.40 -3.93
N ALA A 176 1.56 -10.24 -3.69
CA ALA A 176 1.37 -11.69 -3.80
C ALA A 176 0.36 -12.23 -2.80
N ASN A 177 0.43 -11.74 -1.57
CA ASN A 177 -0.50 -12.18 -0.54
C ASN A 177 -1.92 -11.75 -0.85
N GLY A 178 -2.10 -10.51 -1.27
CA GLY A 178 -3.45 -10.07 -1.64
C GLY A 178 -4.01 -10.93 -2.75
N ILE A 179 -3.16 -11.33 -3.69
CA ILE A 179 -3.65 -12.20 -4.75
C ILE A 179 -4.07 -13.56 -4.19
N SER A 180 -3.29 -14.10 -3.24
CA SER A 180 -3.64 -15.39 -2.64
C SER A 180 -4.99 -15.34 -1.94
N LYS A 181 -5.17 -14.39 -1.04
CA LYS A 181 -6.44 -14.30 -0.32
C LYS A 181 -7.60 -14.07 -1.29
N ASN A 182 -7.37 -13.27 -2.34
CA ASN A 182 -8.42 -13.07 -3.33
C ASN A 182 -8.77 -14.39 -4.03
N ASN A 183 -7.76 -15.21 -4.30
CA ASN A 183 -7.99 -16.51 -4.93
C ASN A 183 -8.78 -17.43 -3.97
N ASN A 184 -8.51 -17.34 -2.67
CA ASN A 184 -9.20 -18.20 -1.72
C ASN A 184 -10.58 -17.68 -1.34
N THR A 185 -10.96 -16.48 -1.78
CA THR A 185 -12.28 -15.97 -1.45
C THR A 185 -13.15 -15.75 -2.69
N ALA A 186 -12.82 -16.39 -3.81
CA ALA A 186 -13.55 -16.21 -5.05
C ALA A 186 -13.62 -14.73 -5.40
N ARG A 187 -12.51 -14.03 -5.20
CA ARG A 187 -12.33 -12.63 -5.56
C ARG A 187 -13.15 -11.68 -4.69
N ARG A 188 -13.66 -12.13 -3.54
CA ARG A 188 -14.40 -11.24 -2.68
C ARG A 188 -13.52 -10.42 -1.74
N PHE A 189 -12.29 -10.86 -1.49
CA PHE A 189 -11.41 -10.08 -0.63
C PHE A 189 -11.16 -8.70 -1.21
N LYS A 190 -10.80 -8.61 -2.48
CA LYS A 190 -10.51 -7.29 -3.02
C LYS A 190 -11.78 -6.48 -3.25
N ARG A 191 -12.92 -7.15 -3.49
CA ARG A 191 -14.20 -6.43 -3.56
C ARG A 191 -14.59 -5.84 -2.20
N LEU A 192 -14.38 -6.59 -1.11
CA LEU A 192 -14.65 -6.09 0.24
C LEU A 192 -13.70 -4.97 0.60
N THR A 193 -12.43 -5.08 0.20
CA THR A 193 -11.47 -4.00 0.38
C THR A 193 -11.94 -2.73 -0.35
N ARG A 194 -12.34 -2.86 -1.61
CA ARG A 194 -12.81 -1.68 -2.32
C ARG A 194 -14.04 -1.10 -1.66
N LEU A 195 -14.94 -1.96 -1.19
CA LEU A 195 -16.16 -1.45 -0.56
C LEU A 195 -15.82 -0.66 0.70
N HIS A 196 -14.95 -1.20 1.55
CA HIS A 196 -14.56 -0.47 2.76
C HIS A 196 -13.85 0.83 2.42
N ARG A 197 -12.99 0.82 1.40
CA ARG A 197 -12.27 2.05 1.07
C ARG A 197 -13.23 3.12 0.58
N LYS A 198 -14.21 2.70 -0.22
CA LYS A 198 -15.17 3.64 -0.77
C LYS A 198 -16.05 4.20 0.33
N LEU A 199 -16.50 3.35 1.25
CA LEU A 199 -17.31 3.84 2.36
C LEU A 199 -16.57 4.88 3.17
N ARG A 200 -15.27 4.68 3.38
CA ARG A 200 -14.49 5.69 4.09
C ARG A 200 -14.55 7.02 3.35
N TYR A 201 -14.22 7.02 2.04
CA TYR A 201 -14.29 8.30 1.30
C TYR A 201 -15.69 8.89 1.34
N LYS A 202 -16.72 8.07 1.33
CA LYS A 202 -18.06 8.60 1.36
C LYS A 202 -18.37 9.28 2.69
N MET A 203 -17.98 8.67 3.80
CA MET A 203 -18.22 9.32 5.09
C MET A 203 -17.43 10.60 5.21
N ILE A 204 -16.21 10.64 4.69
CA ILE A 204 -15.44 11.88 4.73
C ILE A 204 -16.13 12.96 3.89
N ASP A 205 -16.72 12.58 2.76
CA ASP A 205 -17.21 13.56 1.81
C ASP A 205 -18.46 14.25 2.33
N ASP A 206 -19.31 13.55 3.07
CA ASP A 206 -20.50 14.22 3.58
C ASP A 206 -20.36 14.69 5.03
N GLY A 207 -19.13 14.79 5.53
CA GLY A 207 -18.84 15.48 6.77
C GLY A 207 -18.58 14.62 7.96
N GLY A 208 -18.51 13.31 7.79
CA GLY A 208 -18.33 12.42 8.92
C GLY A 208 -17.02 12.68 9.64
N ASN A 209 -16.98 12.25 10.88
CA ASN A 209 -15.83 12.50 11.74
C ASN A 209 -14.86 11.32 11.68
N VAL A 210 -14.27 11.14 10.49
CA VAL A 210 -13.31 10.08 10.31
C VAL A 210 -11.94 10.58 10.78
N SER A 211 -11.31 9.83 11.67
CA SER A 211 -10.00 10.20 12.14
C SER A 211 -8.99 10.20 11.00
N ASP A 212 -8.10 11.20 11.00
CA ASP A 212 -6.97 11.25 10.08
C ASP A 212 -6.09 10.02 10.18
N ASN A 213 -6.12 9.32 11.31
CA ASN A 213 -5.32 8.12 11.50
C ASN A 213 -5.82 6.92 10.71
N ILE A 214 -7.05 6.94 10.20
CA ILE A 214 -7.58 5.83 9.42
C ILE A 214 -7.30 6.10 7.95
N THR A 215 -6.40 5.33 7.35
CA THR A 215 -6.02 5.50 5.96
C THR A 215 -6.56 4.36 5.10
N SER A 216 -6.48 4.55 3.77
CA SER A 216 -6.91 3.50 2.85
C SER A 216 -6.03 2.27 2.97
N PHE A 217 -4.73 2.50 3.15
CA PHE A 217 -3.81 1.39 3.37
C PHE A 217 -4.20 0.59 4.61
N LEU A 218 -4.50 1.29 5.71
CA LEU A 218 -4.91 0.60 6.92
C LEU A 218 -6.15 -0.25 6.69
N LEU A 219 -7.13 0.28 5.95
CA LEU A 219 -8.36 -0.47 5.66
C LEU A 219 -8.06 -1.75 4.90
N GLU A 220 -7.14 -1.70 3.92
CA GLU A 220 -6.78 -2.95 3.24
C GLU A 220 -6.15 -3.96 4.20
N CYS A 221 -5.23 -3.50 5.05
CA CYS A 221 -4.65 -4.38 6.07
C CYS A 221 -5.71 -4.95 7.01
N LEU A 222 -6.73 -4.19 7.33
CA LEU A 222 -7.74 -4.71 8.23
C LEU A 222 -8.58 -5.79 7.53
N VAL A 223 -9.05 -5.51 6.30
CA VAL A 223 -9.83 -6.53 5.62
C VAL A 223 -9.00 -7.78 5.39
N TRP A 224 -7.70 -7.61 5.14
CA TRP A 224 -6.78 -8.74 5.07
C TRP A 224 -6.88 -9.62 6.31
N ASN A 225 -7.07 -9.01 7.46
CA ASN A 225 -7.16 -9.77 8.71
C ASN A 225 -8.57 -10.27 8.98
N VAL A 226 -9.54 -9.99 8.12
CA VAL A 226 -10.85 -10.64 8.26
C VAL A 226 -10.76 -12.07 7.74
N PRO A 227 -11.11 -13.07 8.52
CA PRO A 227 -10.95 -14.47 8.04
C PRO A 227 -11.81 -14.75 6.82
N ASN A 228 -11.31 -15.67 6.00
CA ASN A 228 -11.97 -15.93 4.71
C ASN A 228 -13.43 -16.33 4.88
N ARG A 229 -13.79 -16.98 5.99
CA ARG A 229 -15.17 -17.47 6.10
C ARG A 229 -16.17 -16.31 6.12
N ILE A 230 -15.75 -15.14 6.60
CA ILE A 230 -16.70 -14.04 6.57
C ILE A 230 -16.98 -13.62 5.14
N MET A 231 -16.00 -13.74 4.24
CA MET A 231 -16.26 -13.47 2.83
C MET A 231 -17.00 -14.63 2.16
N ASN A 232 -16.64 -15.88 2.48
CA ASN A 232 -17.13 -17.05 1.75
C ASN A 232 -18.51 -17.54 2.20
N ASP A 233 -18.86 -17.36 3.48
CA ASP A 233 -20.04 -18.02 4.05
C ASP A 233 -21.29 -17.15 4.09
N TYR A 234 -21.20 -15.89 3.69
CA TYR A 234 -22.38 -15.02 3.63
C TYR A 234 -22.62 -14.65 2.19
N ASP A 235 -23.89 -14.41 1.85
CA ASP A 235 -24.34 -14.45 0.47
C ASP A 235 -24.64 -13.08 -0.15
N THR A 236 -24.63 -12.00 0.63
CA THR A 236 -24.82 -10.66 0.09
C THR A 236 -23.71 -9.74 0.61
N TRP A 237 -23.56 -8.61 -0.07
CA TRP A 237 -22.56 -7.65 0.36
C TRP A 237 -22.99 -6.93 1.64
N THR A 238 -24.29 -6.69 1.81
CA THR A 238 -24.78 -6.15 3.07
C THR A 238 -24.28 -6.97 4.25
N GLU A 239 -24.38 -8.29 4.12
CA GLU A 239 -24.07 -9.17 5.23
C GLU A 239 -22.56 -9.34 5.38
N ARG A 240 -21.83 -9.45 4.28
CA ARG A 240 -20.37 -9.55 4.36
C ARG A 240 -19.78 -8.32 4.99
N LEU A 241 -20.29 -7.15 4.63
CA LEU A 241 -19.81 -5.91 5.23
C LEU A 241 -20.15 -5.87 6.72
N LYS A 242 -21.41 -6.18 7.05
CA LYS A 242 -21.82 -6.19 8.45
C LYS A 242 -20.95 -7.13 9.28
N GLN A 243 -20.73 -8.35 8.78
CA GLN A 243 -19.96 -9.33 9.52
C GLN A 243 -18.51 -8.88 9.64
N SER A 244 -17.94 -8.30 8.59
CA SER A 244 -16.56 -7.84 8.69
C SER A 244 -16.43 -6.72 9.74
N ILE A 245 -17.42 -5.86 9.83
CA ILE A 245 -17.37 -4.81 10.83
C ILE A 245 -17.46 -5.39 12.22
N ILE A 246 -18.36 -6.36 12.41
CA ILE A 246 -18.50 -7.00 13.71
C ILE A 246 -17.19 -7.64 14.13
N TYR A 247 -16.56 -8.36 13.20
CA TYR A 247 -15.32 -9.05 13.53
C TYR A 247 -14.23 -8.06 13.91
N LEU A 248 -14.08 -7.00 13.13
CA LEU A 248 -13.02 -6.03 13.39
C LEU A 248 -13.27 -5.25 14.68
N TYR A 249 -14.52 -4.88 14.93
CA TYR A 249 -14.85 -4.25 16.20
C TYR A 249 -14.52 -5.17 17.37
N ASN A 250 -15.04 -6.41 17.34
CA ASN A 250 -14.87 -7.31 18.49
C ASN A 250 -13.41 -7.56 18.78
N ASN A 251 -12.60 -7.66 17.73
CA ASN A 251 -11.22 -8.02 17.91
C ASN A 251 -10.31 -6.81 18.07
N THR A 252 -10.87 -5.60 18.12
CA THR A 252 -10.07 -4.48 18.60
C THR A 252 -10.58 -3.87 19.89
N ARG A 253 -11.55 -4.51 20.56
CA ARG A 253 -11.99 -3.99 21.86
C ARG A 253 -10.88 -4.05 22.91
N GLU A 254 -10.01 -5.05 22.83
CA GLU A 254 -8.84 -5.16 23.69
C GLU A 254 -7.63 -5.36 22.82
N GLU A 255 -6.52 -4.74 23.20
CA GLU A 255 -5.30 -4.77 22.38
C GLU A 255 -4.71 -6.18 22.29
N SER A 256 -4.97 -7.03 23.28
CA SER A 256 -4.44 -8.39 23.24
C SER A 256 -5.05 -9.22 22.12
N SER A 257 -6.27 -8.87 21.65
CA SER A 257 -6.91 -9.63 20.58
C SER A 257 -6.28 -9.41 19.22
N CYS A 258 -5.54 -8.32 19.03
CA CYS A 258 -5.04 -7.99 17.70
C CYS A 258 -3.58 -7.57 17.68
N LYS A 259 -2.84 -7.70 18.78
CA LYS A 259 -1.47 -7.19 18.79
C LYS A 259 -0.56 -7.90 17.79
N GLU A 260 -0.94 -9.10 17.37
CA GLU A 260 -0.13 -9.84 16.41
C GLU A 260 -0.52 -9.60 14.97
N TRP A 261 -1.60 -8.86 14.70
CA TRP A 261 -2.01 -8.69 13.31
C TRP A 261 -0.91 -8.03 12.50
N GLY A 262 -0.68 -8.56 11.30
CA GLY A 262 0.27 -7.98 10.37
C GLY A 262 -0.43 -7.21 9.25
N GLU A 263 0.36 -6.40 8.54
CA GLU A 263 -0.10 -5.87 7.27
C GLU A 263 -0.16 -7.00 6.24
N VAL A 264 -0.58 -6.67 5.01
CA VAL A 264 -0.83 -7.69 4.00
C VAL A 264 0.43 -8.48 3.70
N SER A 265 1.58 -7.83 3.72
CA SER A 265 2.83 -8.55 3.45
C SER A 265 3.14 -9.59 4.52
N GLU A 266 2.49 -9.50 5.69
CA GLU A 266 2.77 -10.33 6.85
C GLU A 266 4.21 -10.19 7.35
N LEU A 267 4.93 -9.17 6.91
CA LEU A 267 6.31 -8.99 7.36
C LEU A 267 6.48 -7.77 8.24
N LEU A 268 5.41 -7.03 8.50
CA LEU A 268 5.39 -5.93 9.44
C LEU A 268 4.10 -6.02 10.24
N TYR A 269 4.15 -5.56 11.49
CA TYR A 269 2.97 -5.55 12.36
C TYR A 269 2.15 -4.28 12.16
N LEU A 270 0.86 -4.39 12.50
CA LEU A 270 -0.03 -3.22 12.46
C LEU A 270 0.09 -2.37 13.71
N PHE A 271 0.28 -3.02 14.86
CA PHE A 271 0.16 -2.36 16.16
C PHE A 271 1.41 -2.59 17.02
N HIS A 272 2.60 -2.52 16.44
CA HIS A 272 3.84 -2.56 17.21
C HIS A 272 4.63 -1.28 17.06
N GLY A 273 3.96 -0.14 17.07
CA GLY A 273 4.66 1.13 17.02
C GLY A 273 5.06 1.46 15.61
N GLY A 274 5.43 2.73 15.43
CA GLY A 274 5.76 3.23 14.11
C GLY A 274 4.57 3.54 13.25
N ARG A 275 3.35 3.41 13.78
CA ARG A 275 2.15 3.67 12.99
C ARG A 275 1.42 4.89 13.52
N LYS A 276 0.71 5.58 12.64
CA LYS A 276 -0.05 6.71 13.13
C LYS A 276 -1.41 6.31 13.69
N TRP A 277 -1.78 5.04 13.64
CA TRP A 277 -3.03 4.56 14.18
C TRP A 277 -2.78 3.72 15.43
N THR A 278 -3.82 3.57 16.23
CA THR A 278 -3.85 2.61 17.32
C THR A 278 -5.02 1.65 17.07
N SER A 279 -5.02 0.53 17.76
CA SER A 279 -6.19 -0.34 17.69
C SER A 279 -7.44 0.34 18.24
N LYS A 280 -7.28 1.24 19.20
CA LYS A 280 -8.41 2.04 19.66
C LYS A 280 -8.98 2.88 18.52
N ASP A 281 -8.11 3.54 17.75
CA ASP A 281 -8.57 4.24 16.55
C ASP A 281 -9.39 3.33 15.66
N VAL A 282 -8.92 2.10 15.47
CA VAL A 282 -9.62 1.20 14.56
C VAL A 282 -10.99 0.89 15.11
N ASN A 283 -11.06 0.58 16.41
CA ASN A 283 -12.31 0.25 17.06
C ASN A 283 -13.31 1.39 16.95
N SER A 284 -12.84 2.61 17.19
CA SER A 284 -13.73 3.76 17.11
C SER A 284 -14.21 3.99 15.68
N TYR A 285 -13.32 3.79 14.69
CA TYR A 285 -13.75 3.88 13.30
C TYR A 285 -14.84 2.85 12.98
N MET A 286 -14.67 1.63 13.48
CA MET A 286 -15.68 0.61 13.25
C MET A 286 -17.02 1.04 13.85
N VAL A 287 -17.00 1.68 15.04
CA VAL A 287 -18.24 2.18 15.63
C VAL A 287 -18.86 3.24 14.73
N LEU A 288 -18.04 4.18 14.25
CA LEU A 288 -18.54 5.23 13.36
C LEU A 288 -19.18 4.63 12.11
N LEU A 289 -18.47 3.70 11.47
CA LEU A 289 -18.98 3.09 10.26
C LEU A 289 -20.27 2.33 10.53
N TRP A 290 -20.31 1.56 11.61
CA TRP A 290 -21.52 0.83 11.97
C TRP A 290 -22.70 1.78 12.14
N ASN A 291 -22.50 2.86 12.87
CA ASN A 291 -23.61 3.78 13.09
C ASN A 291 -24.00 4.47 11.81
N HIS A 292 -23.05 4.70 10.92
CA HIS A 292 -23.35 5.32 9.65
C HIS A 292 -24.18 4.41 8.75
N LEU A 293 -23.96 3.10 8.80
CA LEU A 293 -24.64 2.20 7.88
C LEU A 293 -26.07 1.89 8.30
N GLU A 294 -26.44 2.13 9.58
CA GLU A 294 -27.83 2.04 10.05
C GLU A 294 -28.43 0.66 9.80
N PHE A 295 -27.72 -0.39 10.20
CA PHE A 295 -28.28 -1.74 10.08
C PHE A 295 -29.50 -1.88 10.97
N LEU A 296 -30.48 -2.67 10.51
CA LEU A 296 -31.73 -2.80 11.25
C LEU A 296 -31.53 -3.66 12.49
N GLU A 297 -31.86 -3.10 13.65
CA GLU A 297 -31.70 -3.72 14.97
C GLU A 297 -33.04 -4.30 15.46
N HIS A 298 -33.09 -4.73 16.72
CA HIS A 298 -34.28 -5.32 17.31
C HIS A 298 -34.61 -4.74 18.68
#